data_2Q6U
#
_entry.id   2Q6U
#
_cell.length_a   78.520
_cell.length_b   96.120
_cell.length_c   78.050
_cell.angle_alpha   90.00
_cell.angle_beta   118.49
_cell.angle_gamma   90.00
#
_symmetry.space_group_name_H-M   'C 1 2 1'
#
loop_
_entity.id
_entity.type
_entity.pdbx_description
1 polymer 'NikD protein'
2 non-polymer 'FLAVIN-ADENINE DINUCLEOTIDE'
3 non-polymer 'BENZOIC ACID'
4 water water
#
_entity_poly.entity_id   1
_entity_poly.type   'polypeptide(L)'
_entity_poly.pdbx_seq_one_letter_code
;(MSE)TESYDVVVVGGGPVGLATAWQVAERGHRVLVLERHTFFNENGGTSGAERHWRLQYTQEDLFRLTLETLPLWRALE
SRCERRLIHEIGSLWFGDTDVVTNEGQISGTAA(MSE)(MSE)DKLSVRYEWLKATDIERRFGFRGLPRDYEGFLQPDGG
TIDVRGTLAALFTLAQAAGATLRAGETVTELVPDADGVSVTTDRGTYRAGKVVLACGPYTNDLLEPLGARLAYSVYE
(MSE)AIAAYRQATPVTEAPFWFAFQQPTPQDTNLFYGFGHNPWAPGEFVRCGPDFEVDPLDHPSAATGVADRRQ(MSE)
DRLSGWLRDHLPTVDPDPVRTSTCLAVLPTDPERQFFLGTARDL(MSE)THGEKLVVYGAGWAFKFVPLFGRICADLAVE
DSTAYDISRLAPQALEHHHHHH
;
_entity_poly.pdbx_strand_id   A
#
# COMPACT_ATOMS: atom_id res chain seq x y z
N GLU A 3 -14.12 27.27 11.97
CA GLU A 3 -14.49 25.83 12.20
C GLU A 3 -13.40 25.09 12.96
N SER A 4 -13.82 24.23 13.88
CA SER A 4 -12.87 23.42 14.66
C SER A 4 -13.40 21.99 14.69
N TYR A 5 -12.49 21.02 14.81
CA TYR A 5 -12.81 19.59 14.83
C TYR A 5 -11.93 18.88 15.82
N ASP A 6 -12.34 17.70 16.28
CA ASP A 6 -11.53 16.94 17.20
C ASP A 6 -10.31 16.46 16.42
N VAL A 7 -10.56 16.09 15.17
CA VAL A 7 -9.49 15.59 14.31
C VAL A 7 -9.62 16.12 12.88
N VAL A 8 -8.51 16.56 12.28
CA VAL A 8 -8.54 16.95 10.89
C VAL A 8 -7.59 15.95 10.21
N VAL A 9 -8.08 15.31 9.16
CA VAL A 9 -7.29 14.33 8.40
C VAL A 9 -6.83 14.99 7.12
N VAL A 10 -5.53 15.01 6.89
CA VAL A 10 -5.00 15.63 5.69
C VAL A 10 -4.75 14.49 4.70
N GLY A 11 -5.58 14.43 3.68
CA GLY A 11 -5.46 13.40 2.68
C GLY A 11 -6.70 12.53 2.68
N GLY A 12 -7.29 12.35 1.50
CA GLY A 12 -8.48 11.54 1.37
C GLY A 12 -8.28 10.25 0.59
N GLY A 13 -7.09 9.67 0.73
CA GLY A 13 -6.80 8.39 0.11
C GLY A 13 -7.38 7.33 1.03
N PRO A 14 -7.03 6.05 0.81
CA PRO A 14 -7.56 4.99 1.67
C PRO A 14 -7.21 5.09 3.13
N VAL A 15 -6.00 5.52 3.45
CA VAL A 15 -5.66 5.60 4.86
C VAL A 15 -6.43 6.74 5.56
N GLY A 16 -6.53 7.88 4.90
CA GLY A 16 -7.28 9.00 5.49
C GLY A 16 -8.76 8.67 5.63
N LEU A 17 -9.34 8.00 4.63
CA LEU A 17 -10.77 7.68 4.75
C LEU A 17 -11.02 6.63 5.82
N ALA A 18 -10.14 5.64 5.92
CA ALA A 18 -10.33 4.63 6.97
C ALA A 18 -10.22 5.28 8.34
N THR A 19 -9.29 6.22 8.46
CA THR A 19 -9.10 6.90 9.74
C THR A 19 -10.35 7.71 10.08
N ALA A 20 -10.83 8.50 9.12
CA ALA A 20 -12.00 9.32 9.36
C ALA A 20 -13.23 8.49 9.75
N TRP A 21 -13.41 7.35 9.10
CA TRP A 21 -14.51 6.46 9.44
C TRP A 21 -14.40 6.02 10.89
N GLN A 22 -13.21 5.58 11.30
CA GLN A 22 -13.03 5.12 12.66
C GLN A 22 -13.16 6.24 13.70
N VAL A 23 -12.70 7.44 13.38
CA VAL A 23 -12.82 8.56 14.31
C VAL A 23 -14.31 8.90 14.48
N ALA A 24 -15.01 9.01 13.35
CA ALA A 24 -16.43 9.37 13.38
C ALA A 24 -17.30 8.30 14.04
N GLU A 25 -17.02 7.03 13.78
CA GLU A 25 -17.83 5.98 14.39
C GLU A 25 -17.68 5.95 15.90
N ARG A 26 -16.56 6.47 16.40
CA ARG A 26 -16.33 6.51 17.83
C ARG A 26 -16.93 7.75 18.47
N GLY A 27 -17.71 8.50 17.69
CA GLY A 27 -18.38 9.67 18.20
C GLY A 27 -17.63 10.99 18.24
N HIS A 28 -16.60 11.14 17.43
CA HIS A 28 -15.85 12.39 17.41
C HIS A 28 -16.01 13.15 16.11
N ARG A 29 -15.83 14.46 16.16
CA ARG A 29 -15.96 15.30 14.98
C ARG A 29 -14.68 15.27 14.14
N VAL A 30 -14.83 14.87 12.88
CA VAL A 30 -13.67 14.74 12.00
C VAL A 30 -13.90 15.38 10.62
N LEU A 31 -12.86 16.03 10.12
CA LEU A 31 -12.90 16.65 8.82
C LEU A 31 -11.78 16.03 7.98
N VAL A 32 -12.09 15.64 6.74
CA VAL A 32 -11.04 15.13 5.84
C VAL A 32 -10.87 16.18 4.74
N LEU A 33 -9.64 16.63 4.54
CA LEU A 33 -9.31 17.61 3.50
C LEU A 33 -8.52 16.88 2.42
N GLU A 34 -9.02 16.92 1.19
CA GLU A 34 -8.37 16.27 0.05
C GLU A 34 -8.05 17.32 -1.03
N ARG A 35 -6.79 17.37 -1.49
CA ARG A 35 -6.42 18.39 -2.48
C ARG A 35 -7.06 18.24 -3.84
N HIS A 36 -7.26 17.01 -4.29
CA HIS A 36 -7.88 16.79 -5.60
C HIS A 36 -9.30 16.31 -5.40
N THR A 37 -9.62 15.11 -5.86
CA THR A 37 -10.97 14.59 -5.67
C THR A 37 -10.80 13.27 -4.94
N PHE A 38 -11.85 12.80 -4.31
CA PHE A 38 -11.78 11.49 -3.67
C PHE A 38 -11.74 10.55 -4.86
N PHE A 39 -11.13 9.39 -4.65
CA PHE A 39 -10.99 8.37 -5.68
C PHE A 39 -10.04 8.75 -6.83
N ASN A 40 -9.19 9.75 -6.64
CA ASN A 40 -8.29 10.14 -7.73
C ASN A 40 -7.20 9.10 -7.96
N GLU A 41 -6.67 9.09 -9.18
CA GLU A 41 -5.64 8.14 -9.59
C GLU A 41 -4.26 8.78 -9.69
N ASN A 42 -4.06 9.91 -9.02
CA ASN A 42 -2.80 10.63 -9.12
C ASN A 42 -1.84 10.46 -7.97
N GLY A 43 -2.24 9.69 -6.97
CA GLY A 43 -1.39 9.48 -5.81
C GLY A 43 -0.84 8.07 -5.75
N GLY A 44 -0.87 7.50 -4.56
CA GLY A 44 -0.32 6.18 -4.42
C GLY A 44 -1.37 5.12 -4.58
N THR A 45 -2.62 5.52 -4.80
CA THR A 45 -3.70 4.55 -4.93
C THR A 45 -4.36 4.52 -6.30
N SER A 46 -3.57 4.35 -7.35
CA SER A 46 -4.18 4.28 -8.67
C SER A 46 -4.31 2.80 -8.98
N GLY A 47 -5.17 2.45 -9.93
CA GLY A 47 -5.27 1.03 -10.24
C GLY A 47 -6.41 0.31 -9.56
N ALA A 48 -6.63 -0.90 -10.02
CA ALA A 48 -7.72 -1.70 -9.54
C ALA A 48 -7.42 -2.73 -8.48
N GLU A 49 -6.14 -3.14 -8.40
CA GLU A 49 -5.81 -4.21 -7.50
C GLU A 49 -4.55 -4.00 -6.69
N ARG A 50 -4.55 -4.63 -5.52
CA ARG A 50 -3.42 -4.66 -4.60
C ARG A 50 -3.34 -6.07 -4.03
N HIS A 51 -2.18 -6.42 -3.49
CA HIS A 51 -2.00 -7.76 -2.93
C HIS A 51 -2.24 -7.83 -1.45
N TRP A 52 -3.03 -8.83 -1.04
CA TRP A 52 -3.29 -9.12 0.37
C TRP A 52 -2.42 -10.36 0.64
N ARG A 53 -1.63 -10.32 1.70
CA ARG A 53 -0.84 -11.49 2.05
C ARG A 53 -0.73 -11.55 3.55
N LEU A 54 -0.59 -12.76 4.06
CA LEU A 54 -0.43 -12.97 5.48
C LEU A 54 1.06 -12.92 5.81
N GLN A 55 1.85 -13.61 4.99
CA GLN A 55 3.29 -13.73 5.25
C GLN A 55 4.12 -12.47 5.12
N TYR A 56 5.02 -12.31 6.09
CA TYR A 56 5.95 -11.19 6.15
C TYR A 56 7.27 -11.73 6.70
N THR A 57 8.38 -11.14 6.29
CA THR A 57 9.68 -11.55 6.80
C THR A 57 9.87 -11.12 8.26
N GLN A 58 9.30 -9.96 8.63
CA GLN A 58 9.41 -9.45 9.99
C GLN A 58 8.29 -10.03 10.84
N GLU A 59 8.62 -10.58 12.01
CA GLU A 59 7.60 -11.18 12.85
C GLU A 59 6.52 -10.20 13.31
N ASP A 60 6.90 -8.98 13.66
CA ASP A 60 5.94 -8.00 14.12
C ASP A 60 4.88 -7.67 13.05
N LEU A 61 5.29 -7.61 11.79
CA LEU A 61 4.34 -7.32 10.70
C LEU A 61 3.49 -8.55 10.40
N PHE A 62 4.06 -9.72 10.58
CA PHE A 62 3.31 -10.94 10.34
C PHE A 62 2.20 -11.00 11.40
N ARG A 63 2.51 -10.59 12.63
CA ARG A 63 1.46 -10.59 13.65
C ARG A 63 0.36 -9.59 13.29
N LEU A 64 0.75 -8.46 12.69
CA LEU A 64 -0.24 -7.46 12.29
C LEU A 64 -1.13 -7.91 11.16
N THR A 65 -0.61 -8.66 10.18
CA THR A 65 -1.50 -9.12 9.11
C THR A 65 -2.52 -10.08 9.72
N LEU A 66 -2.10 -10.92 10.67
CA LEU A 66 -3.04 -11.84 11.31
C LEU A 66 -4.12 -11.10 12.09
N GLU A 67 -3.80 -9.95 12.67
CA GLU A 67 -4.86 -9.23 13.36
C GLU A 67 -5.65 -8.28 12.44
N THR A 68 -5.17 -8.13 11.21
CA THR A 68 -5.87 -7.26 10.25
C THR A 68 -6.93 -8.07 9.51
N LEU A 69 -6.70 -9.38 9.33
CA LEU A 69 -7.64 -10.24 8.61
C LEU A 69 -9.09 -10.10 9.14
N PRO A 70 -9.29 -10.14 10.48
CA PRO A 70 -10.65 -9.99 11.02
C PRO A 70 -11.22 -8.57 10.76
N LEU A 71 -10.34 -7.59 10.65
CA LEU A 71 -10.81 -6.22 10.36
C LEU A 71 -11.28 -6.17 8.90
N TRP A 72 -10.59 -6.87 7.99
CA TRP A 72 -11.08 -6.89 6.60
C TRP A 72 -12.45 -7.61 6.56
N ARG A 73 -12.59 -8.72 7.28
CA ARG A 73 -13.87 -9.42 7.28
C ARG A 73 -14.99 -8.52 7.81
N ALA A 74 -14.70 -7.75 8.87
CA ALA A 74 -15.72 -6.86 9.43
C ALA A 74 -16.10 -5.80 8.40
N LEU A 75 -15.10 -5.23 7.73
CA LEU A 75 -15.39 -4.23 6.71
C LEU A 75 -16.19 -4.85 5.56
N GLU A 76 -15.86 -6.07 5.16
CA GLU A 76 -16.59 -6.73 4.08
C GLU A 76 -18.07 -6.91 4.46
N SER A 77 -18.33 -7.21 5.73
CA SER A 77 -19.70 -7.40 6.19
C SER A 77 -20.45 -6.08 6.26
N ARG A 78 -19.76 -5.01 6.62
CA ARG A 78 -20.40 -3.69 6.69
C ARG A 78 -20.83 -3.22 5.32
N CYS A 79 -19.99 -3.43 4.31
CA CYS A 79 -20.33 -2.96 2.97
C CYS A 79 -20.97 -4.01 2.09
N GLU A 80 -21.11 -5.24 2.61
CA GLU A 80 -21.72 -6.33 1.86
C GLU A 80 -21.02 -6.59 0.53
N ARG A 81 -19.68 -6.55 0.54
CA ARG A 81 -18.96 -6.81 -0.69
C ARG A 81 -17.68 -7.57 -0.32
N ARG A 82 -17.37 -8.65 -1.03
CA ARG A 82 -16.13 -9.36 -0.76
C ARG A 82 -15.06 -8.44 -1.38
N LEU A 83 -14.10 -8.02 -0.56
CA LEU A 83 -13.05 -7.11 -1.01
C LEU A 83 -11.74 -7.88 -1.24
N ILE A 84 -11.60 -9.03 -0.56
CA ILE A 84 -10.39 -9.85 -0.74
C ILE A 84 -10.80 -11.14 -1.46
N HIS A 85 -10.10 -11.43 -2.55
CA HIS A 85 -10.35 -12.64 -3.33
C HIS A 85 -9.10 -13.50 -3.22
N GLU A 86 -9.21 -14.64 -2.53
CA GLU A 86 -8.06 -15.48 -2.28
C GLU A 86 -7.56 -16.33 -3.45
N ILE A 87 -6.86 -15.69 -4.37
CA ILE A 87 -6.32 -16.37 -5.53
C ILE A 87 -4.94 -17.01 -5.25
N GLY A 88 -4.37 -16.75 -4.08
CA GLY A 88 -3.06 -17.27 -3.70
C GLY A 88 -1.93 -16.23 -3.77
N SER A 89 -0.88 -16.44 -2.96
CA SER A 89 0.32 -15.57 -2.96
C SER A 89 1.51 -16.46 -3.31
N LEU A 90 2.07 -16.28 -4.50
CA LEU A 90 3.23 -17.05 -4.94
C LEU A 90 4.49 -16.20 -4.91
N TRP A 91 5.47 -16.64 -4.13
CA TRP A 91 6.75 -15.95 -4.04
C TRP A 91 7.81 -16.95 -4.54
N PHE A 92 8.66 -16.53 -5.47
CA PHE A 92 9.68 -17.45 -5.96
C PHE A 92 10.90 -16.73 -6.48
N GLY A 93 12.01 -17.44 -6.54
CA GLY A 93 13.20 -16.83 -7.14
C GLY A 93 14.40 -17.18 -6.31
N ASP A 94 15.27 -16.19 -6.14
CA ASP A 94 16.46 -16.32 -5.30
C ASP A 94 15.93 -16.25 -3.86
N THR A 95 16.10 -17.34 -3.10
CA THR A 95 15.55 -17.37 -1.78
C THR A 95 16.25 -16.59 -0.71
N ASP A 96 17.43 -16.04 -1.00
CA ASP A 96 18.11 -15.30 0.03
C ASP A 96 18.18 -13.80 -0.16
N VAL A 97 17.91 -13.32 -1.36
CA VAL A 97 17.96 -11.87 -1.58
C VAL A 97 16.93 -11.14 -0.71
N VAL A 98 17.33 -10.00 -0.14
CA VAL A 98 16.44 -9.19 0.71
C VAL A 98 15.90 -8.07 -0.18
N THR A 99 14.57 -7.92 -0.22
CA THR A 99 13.95 -6.93 -1.09
C THR A 99 12.90 -6.15 -0.30
N ASN A 100 12.31 -5.13 -0.92
CA ASN A 100 11.30 -4.37 -0.18
C ASN A 100 10.01 -5.20 0.00
N GLU A 101 9.99 -6.39 -0.61
CA GLU A 101 8.83 -7.31 -0.49
C GLU A 101 9.14 -8.33 0.63
N GLY A 102 10.41 -8.40 1.01
CA GLY A 102 10.87 -9.32 2.05
C GLY A 102 11.96 -10.27 1.53
N GLN A 103 12.09 -11.42 2.17
CA GLN A 103 13.07 -12.44 1.79
C GLN A 103 12.34 -13.80 1.89
N ILE A 104 12.44 -14.62 0.85
CA ILE A 104 11.73 -15.89 0.82
C ILE A 104 12.12 -16.84 1.98
N SER A 105 13.42 -17.12 2.13
CA SER A 105 13.84 -18.04 3.18
C SER A 105 13.43 -17.61 4.60
N GLY A 106 13.66 -16.35 4.92
CA GLY A 106 13.29 -15.85 6.23
C GLY A 106 11.79 -15.90 6.47
N THR A 107 11.01 -15.69 5.43
CA THR A 107 9.55 -15.72 5.56
C THR A 107 9.05 -17.15 5.74
N ALA A 108 9.64 -18.10 5.03
CA ALA A 108 9.22 -19.50 5.15
C ALA A 108 9.44 -19.95 6.59
N ALA A 109 10.52 -19.49 7.21
CA ALA A 109 10.79 -19.85 8.60
C ALA A 109 9.69 -19.28 9.50
N MET A 110 9.27 -18.05 9.21
CA MET A 110 8.22 -17.39 9.98
C MET A 110 6.86 -18.10 9.88
N ASP A 112 6.34 -21.23 9.33
CA ASP A 112 6.45 -22.48 10.10
C ASP A 112 6.17 -22.16 11.57
N LYS A 113 6.82 -21.10 12.06
CA LYS A 113 6.69 -20.66 13.45
C LYS A 113 5.28 -20.24 13.86
N LEU A 114 4.54 -19.63 12.94
CA LEU A 114 3.19 -19.18 13.22
C LEU A 114 2.14 -20.15 12.71
N SER A 115 2.61 -21.32 12.27
CA SER A 115 1.74 -22.36 11.76
C SER A 115 0.86 -21.90 10.61
N VAL A 116 1.43 -21.17 9.68
CA VAL A 116 0.67 -20.71 8.53
C VAL A 116 1.01 -21.66 7.40
N ARG A 117 -0.01 -22.23 6.75
CA ARG A 117 0.23 -23.19 5.68
C ARG A 117 0.81 -22.65 4.38
N TYR A 118 1.56 -23.50 3.69
CA TYR A 118 2.16 -23.17 2.40
C TYR A 118 2.66 -24.40 1.68
N GLU A 119 2.79 -24.31 0.36
CA GLU A 119 3.31 -25.39 -0.46
C GLU A 119 4.66 -24.93 -0.97
N TRP A 120 5.71 -25.72 -0.76
CA TRP A 120 7.03 -25.36 -1.26
C TRP A 120 7.11 -25.85 -2.71
N LEU A 121 7.72 -25.06 -3.57
CA LEU A 121 7.78 -25.40 -4.99
C LEU A 121 9.15 -25.22 -5.59
N LYS A 122 9.51 -26.12 -6.50
CA LYS A 122 10.79 -26.04 -7.20
C LYS A 122 10.52 -25.43 -8.56
N ALA A 123 11.57 -25.02 -9.25
CA ALA A 123 11.45 -24.39 -10.56
C ALA A 123 10.52 -25.15 -11.50
N THR A 124 10.72 -26.47 -11.60
CA THR A 124 9.89 -27.27 -12.49
C THR A 124 8.40 -27.22 -12.11
N ASP A 125 8.13 -27.17 -10.81
CA ASP A 125 6.76 -27.10 -10.30
C ASP A 125 6.14 -25.75 -10.66
N ILE A 126 6.92 -24.71 -10.46
CA ILE A 126 6.45 -23.35 -10.77
C ILE A 126 6.13 -23.24 -12.25
N GLU A 127 6.98 -23.81 -13.09
CA GLU A 127 6.75 -23.73 -14.53
C GLU A 127 5.54 -24.55 -14.99
N ARG A 128 5.37 -25.74 -14.42
CA ARG A 128 4.27 -26.61 -14.80
C ARG A 128 2.91 -26.09 -14.36
N ARG A 129 2.79 -25.75 -13.08
CA ARG A 129 1.51 -25.27 -12.52
C ARG A 129 1.09 -23.88 -12.92
N PHE A 130 2.03 -22.95 -12.96
CA PHE A 130 1.67 -21.57 -13.23
C PHE A 130 1.96 -20.99 -14.61
N GLY A 131 2.74 -21.70 -15.43
CA GLY A 131 2.97 -21.18 -16.76
C GLY A 131 4.27 -20.45 -17.03
N PHE A 132 5.12 -20.32 -16.02
CA PHE A 132 6.40 -19.64 -16.22
C PHE A 132 7.31 -20.52 -17.06
N ARG A 133 8.30 -19.90 -17.70
CA ARG A 133 9.27 -20.59 -18.56
C ARG A 133 10.68 -20.00 -18.46
N GLY A 134 11.68 -20.84 -18.71
CA GLY A 134 13.07 -20.39 -18.70
C GLY A 134 13.62 -19.89 -17.39
N LEU A 135 13.10 -20.41 -16.29
CA LEU A 135 13.56 -20.00 -14.97
C LEU A 135 14.88 -20.68 -14.63
N PRO A 136 15.79 -19.95 -13.97
CA PRO A 136 17.06 -20.59 -13.62
C PRO A 136 16.68 -21.82 -12.79
N ARG A 137 17.42 -22.92 -12.97
CA ARG A 137 17.12 -24.16 -12.27
C ARG A 137 17.10 -24.12 -10.74
N ASP A 138 17.78 -23.16 -10.13
CA ASP A 138 17.78 -23.10 -8.67
C ASP A 138 16.67 -22.21 -8.07
N TYR A 139 15.87 -21.58 -8.91
CA TYR A 139 14.77 -20.74 -8.41
C TYR A 139 13.77 -21.65 -7.65
N GLU A 140 13.38 -21.23 -6.45
CA GLU A 140 12.43 -22.01 -5.67
C GLU A 140 11.47 -21.01 -5.01
N GLY A 141 10.42 -21.51 -4.38
CA GLY A 141 9.51 -20.58 -3.73
C GLY A 141 8.37 -21.30 -3.04
N PHE A 142 7.32 -20.55 -2.73
CA PHE A 142 6.17 -21.16 -2.09
C PHE A 142 4.89 -20.49 -2.51
N LEU A 143 3.79 -21.21 -2.32
CA LEU A 143 2.46 -20.70 -2.61
C LEU A 143 1.73 -20.69 -1.26
N GLN A 144 1.23 -19.53 -0.85
CA GLN A 144 0.50 -19.41 0.39
C GLN A 144 -0.92 -19.21 -0.17
N PRO A 145 -1.80 -20.20 0.03
CA PRO A 145 -3.17 -20.15 -0.49
C PRO A 145 -4.16 -19.13 0.03
N ASP A 146 -3.87 -18.49 1.15
CA ASP A 146 -4.83 -17.56 1.72
C ASP A 146 -4.59 -16.11 1.29
N GLY A 147 -3.53 -15.91 0.50
CA GLY A 147 -3.22 -14.57 0.01
C GLY A 147 -4.08 -14.31 -1.20
N GLY A 148 -4.11 -13.07 -1.68
CA GLY A 148 -4.93 -12.84 -2.83
C GLY A 148 -4.98 -11.42 -3.33
N THR A 149 -6.09 -11.07 -3.96
CA THR A 149 -6.16 -9.74 -4.55
C THR A 149 -7.20 -8.87 -3.84
N ILE A 150 -6.88 -7.59 -3.65
CA ILE A 150 -7.80 -6.66 -2.97
C ILE A 150 -8.43 -5.75 -4.02
N ASP A 151 -9.74 -5.63 -3.97
CA ASP A 151 -10.51 -4.77 -4.90
C ASP A 151 -10.33 -3.32 -4.39
N VAL A 152 -9.44 -2.57 -5.02
CA VAL A 152 -9.14 -1.21 -4.56
C VAL A 152 -10.32 -0.25 -4.64
N ARG A 153 -10.97 -0.21 -5.80
CA ARG A 153 -12.06 0.73 -5.96
C ARG A 153 -13.26 0.36 -5.09
N GLY A 154 -13.48 -0.94 -4.89
CA GLY A 154 -14.57 -1.36 -4.00
C GLY A 154 -14.28 -0.96 -2.56
N THR A 155 -13.01 -1.06 -2.17
CA THR A 155 -12.64 -0.68 -0.80
C THR A 155 -12.80 0.82 -0.60
N LEU A 156 -12.34 1.61 -1.56
CA LEU A 156 -12.48 3.07 -1.42
C LEU A 156 -13.92 3.52 -1.31
N ALA A 157 -14.77 2.95 -2.17
CA ALA A 157 -16.19 3.30 -2.15
C ALA A 157 -16.80 2.94 -0.79
N ALA A 158 -16.38 1.81 -0.24
CA ALA A 158 -16.90 1.36 1.04
C ALA A 158 -16.50 2.32 2.16
N LEU A 159 -15.24 2.73 2.15
CA LEU A 159 -14.74 3.62 3.21
C LEU A 159 -15.38 4.99 3.10
N PHE A 160 -15.48 5.49 1.88
CA PHE A 160 -16.09 6.80 1.68
C PHE A 160 -17.52 6.79 2.22
N THR A 161 -18.31 5.80 1.79
CA THR A 161 -19.70 5.68 2.24
C THR A 161 -19.81 5.53 3.75
N LEU A 162 -18.99 4.65 4.33
CA LEU A 162 -19.02 4.46 5.77
C LEU A 162 -18.64 5.72 6.53
N ALA A 163 -17.59 6.40 6.07
CA ALA A 163 -17.17 7.63 6.75
C ALA A 163 -18.28 8.70 6.71
N GLN A 164 -18.86 8.94 5.54
CA GLN A 164 -19.92 9.95 5.46
C GLN A 164 -21.16 9.60 6.29
N ALA A 165 -21.52 8.32 6.30
CA ALA A 165 -22.67 7.86 7.04
C ALA A 165 -22.46 8.02 8.54
N ALA A 166 -21.21 7.94 8.97
CA ALA A 166 -20.86 8.08 10.39
C ALA A 166 -20.76 9.55 10.78
N GLY A 167 -20.91 10.43 9.80
CA GLY A 167 -20.87 11.86 10.07
C GLY A 167 -19.58 12.60 9.82
N ALA A 168 -18.61 11.97 9.16
CA ALA A 168 -17.35 12.69 8.87
C ALA A 168 -17.63 13.74 7.80
N THR A 169 -16.91 14.85 7.87
CA THR A 169 -17.08 15.88 6.87
C THR A 169 -15.96 15.65 5.86
N LEU A 170 -16.32 15.34 4.62
CA LEU A 170 -15.34 15.04 3.57
C LEU A 170 -15.32 16.19 2.58
N ARG A 171 -14.21 16.91 2.52
CA ARG A 171 -14.09 18.07 1.65
C ARG A 171 -12.96 17.92 0.64
N ALA A 172 -13.30 17.86 -0.65
CA ALA A 172 -12.28 17.74 -1.70
C ALA A 172 -11.96 19.11 -2.31
N GLY A 173 -10.90 19.15 -3.12
CA GLY A 173 -10.50 20.39 -3.76
C GLY A 173 -9.94 21.43 -2.80
N GLU A 174 -9.34 20.98 -1.71
CA GLU A 174 -8.79 21.89 -0.73
C GLU A 174 -7.43 21.39 -0.26
N THR A 175 -6.36 22.12 -0.57
CA THR A 175 -5.07 21.63 -0.12
C THR A 175 -4.52 22.33 1.11
N VAL A 176 -4.06 21.52 2.04
CA VAL A 176 -3.48 22.01 3.30
C VAL A 176 -2.12 22.56 2.95
N THR A 177 -1.90 23.83 3.31
CA THR A 177 -0.62 24.47 3.01
C THR A 177 0.29 24.59 4.24
N GLU A 178 -0.30 24.58 5.44
CA GLU A 178 0.50 24.71 6.66
C GLU A 178 -0.14 24.08 7.90
N LEU A 179 0.69 23.51 8.77
CA LEU A 179 0.26 22.92 10.03
C LEU A 179 1.12 23.52 11.14
N VAL A 180 0.50 23.95 12.23
CA VAL A 180 1.28 24.51 13.34
C VAL A 180 0.72 23.97 14.65
N PRO A 181 1.34 22.91 15.19
CA PRO A 181 0.81 22.40 16.46
C PRO A 181 1.29 23.26 17.62
N ASP A 182 0.49 23.30 18.67
CA ASP A 182 0.84 24.04 19.88
C ASP A 182 0.32 23.26 21.06
N ALA A 183 0.40 23.85 22.26
CA ALA A 183 -0.04 23.13 23.44
C ALA A 183 -1.54 22.91 23.50
N ASP A 184 -2.31 23.72 22.79
CA ASP A 184 -3.77 23.61 22.84
C ASP A 184 -4.44 22.93 21.64
N GLY A 185 -3.66 22.55 20.64
CA GLY A 185 -4.22 21.92 19.47
C GLY A 185 -3.37 22.22 18.27
N VAL A 186 -3.97 22.18 17.08
CA VAL A 186 -3.22 22.42 15.85
C VAL A 186 -3.95 23.37 14.92
N SER A 187 -3.24 24.35 14.40
CA SER A 187 -3.82 25.26 13.43
C SER A 187 -3.56 24.71 12.05
N VAL A 188 -4.62 24.59 11.25
CA VAL A 188 -4.51 24.07 9.90
C VAL A 188 -4.88 25.15 8.90
N THR A 189 -3.96 25.47 7.99
CA THR A 189 -4.23 26.49 6.98
C THR A 189 -4.37 25.82 5.64
N THR A 190 -5.37 26.22 4.87
CA THR A 190 -5.56 25.66 3.54
C THR A 190 -5.68 26.81 2.55
N ASP A 191 -5.76 26.49 1.27
CA ASP A 191 -5.89 27.54 0.27
C ASP A 191 -7.30 28.08 0.27
N ARG A 192 -8.18 27.49 1.07
CA ARG A 192 -9.56 27.92 1.15
C ARG A 192 -9.92 28.57 2.48
N GLY A 193 -9.17 28.25 3.53
CA GLY A 193 -9.48 28.82 4.83
C GLY A 193 -8.60 28.33 5.98
N THR A 194 -9.12 28.42 7.19
CA THR A 194 -8.36 28.03 8.39
C THR A 194 -9.18 27.16 9.33
N TYR A 195 -8.51 26.24 10.02
CA TYR A 195 -9.16 25.36 10.97
C TYR A 195 -8.35 25.11 12.23
N ARG A 196 -9.03 24.74 13.31
CA ARG A 196 -8.36 24.37 14.55
C ARG A 196 -8.74 22.92 14.72
N ALA A 197 -7.78 22.10 15.12
CA ALA A 197 -8.00 20.70 15.33
C ALA A 197 -7.37 20.27 16.64
N GLY A 198 -8.00 19.33 17.33
CA GLY A 198 -7.43 18.80 18.56
C GLY A 198 -6.14 18.09 18.17
N LYS A 199 -6.23 17.29 17.11
CA LYS A 199 -5.05 16.57 16.60
C LYS A 199 -5.20 16.44 15.10
N VAL A 200 -4.09 16.26 14.37
CA VAL A 200 -4.17 16.14 12.91
C VAL A 200 -3.58 14.81 12.51
N VAL A 201 -4.19 14.16 11.52
CA VAL A 201 -3.65 12.90 11.00
C VAL A 201 -3.14 13.24 9.61
N LEU A 202 -1.86 12.99 9.35
CA LEU A 202 -1.28 13.26 8.07
C LEU A 202 -1.27 11.94 7.32
N ALA A 203 -2.04 11.90 6.25
CA ALA A 203 -2.11 10.69 5.44
C ALA A 203 -2.06 11.21 4.00
N CYS A 204 -1.02 11.96 3.68
CA CYS A 204 -0.91 12.54 2.36
C CYS A 204 0.13 11.93 1.44
N GLY A 205 0.43 10.66 1.69
CA GLY A 205 1.36 9.95 0.82
C GLY A 205 2.70 10.60 0.52
N PRO A 206 3.04 10.77 -0.76
CA PRO A 206 4.32 11.38 -1.14
C PRO A 206 4.50 12.86 -0.75
N TYR A 207 3.45 13.49 -0.28
CA TYR A 207 3.52 14.91 0.10
C TYR A 207 3.75 15.22 1.57
N THR A 208 3.98 14.19 2.37
CA THR A 208 4.15 14.36 3.80
C THR A 208 5.22 15.38 4.18
N ASN A 209 6.39 15.30 3.56
CA ASN A 209 7.46 16.22 3.94
C ASN A 209 7.21 17.68 3.64
N ASP A 210 6.32 17.97 2.69
CA ASP A 210 5.98 19.36 2.37
C ASP A 210 5.41 20.06 3.61
N LEU A 211 4.65 19.32 4.41
CA LEU A 211 4.06 19.89 5.61
C LEU A 211 4.96 19.77 6.82
N LEU A 212 5.83 18.77 6.85
CA LEU A 212 6.72 18.58 8.01
C LEU A 212 7.99 19.44 7.97
N GLU A 213 8.43 19.79 6.76
CA GLU A 213 9.64 20.59 6.57
C GLU A 213 9.69 21.90 7.35
N PRO A 214 8.67 22.76 7.18
CA PRO A 214 8.74 24.02 7.97
C PRO A 214 8.64 23.85 9.48
N LEU A 215 8.39 22.62 9.94
CA LEU A 215 8.31 22.36 11.39
C LEU A 215 9.65 21.78 11.84
N GLY A 216 10.61 21.77 10.93
CA GLY A 216 11.95 21.28 11.22
C GLY A 216 12.04 19.78 11.23
N ALA A 217 11.13 19.11 10.51
CA ALA A 217 11.15 17.67 10.47
C ALA A 217 11.15 17.18 9.03
N ARG A 218 11.63 15.98 8.82
CA ARG A 218 11.65 15.41 7.49
C ARG A 218 11.81 13.93 7.69
N LEU A 219 10.97 13.17 7.00
CA LEU A 219 11.02 11.74 7.09
C LEU A 219 11.90 11.16 5.99
N ALA A 220 12.62 10.10 6.32
CA ALA A 220 13.51 9.43 5.37
C ALA A 220 12.81 8.43 4.44
N TYR A 221 12.09 8.95 3.47
CA TYR A 221 11.43 8.08 2.50
C TYR A 221 11.77 8.59 1.13
N SER A 222 11.58 7.71 0.13
CA SER A 222 11.82 8.07 -1.24
C SER A 222 10.55 7.79 -2.02
N VAL A 223 10.33 8.55 -3.07
CA VAL A 223 9.15 8.42 -3.94
C VAL A 223 9.56 7.90 -5.31
N TYR A 224 8.90 6.85 -5.77
CA TYR A 224 9.22 6.26 -7.06
C TYR A 224 7.99 6.25 -7.96
N GLU A 225 8.15 6.68 -9.21
CA GLU A 225 7.00 6.63 -10.11
C GLU A 225 7.09 5.30 -10.81
N ALA A 227 5.85 2.01 -13.00
CA ALA A 227 5.00 1.69 -14.14
C ALA A 227 4.14 0.48 -13.87
N ILE A 228 2.94 0.48 -14.43
CA ILE A 228 2.07 -0.67 -14.29
C ILE A 228 1.44 -0.87 -15.65
N ALA A 229 1.19 -2.10 -16.02
CA ALA A 229 0.60 -2.34 -17.34
C ALA A 229 -0.35 -3.50 -17.34
N ALA A 230 -1.29 -3.46 -18.29
CA ALA A 230 -2.28 -4.51 -18.46
C ALA A 230 -1.94 -5.30 -19.71
N TYR A 231 -2.05 -6.61 -19.58
CA TYR A 231 -1.75 -7.54 -20.67
C TYR A 231 -2.90 -8.49 -20.89
N ARG A 232 -3.13 -8.86 -22.15
CA ARG A 232 -4.19 -9.83 -22.48
C ARG A 232 -3.66 -11.21 -22.13
N GLN A 233 -4.51 -12.06 -21.55
CA GLN A 233 -4.12 -13.42 -21.23
C GLN A 233 -4.28 -14.20 -22.52
N ALA A 234 -3.18 -14.72 -23.05
CA ALA A 234 -3.22 -15.49 -24.30
C ALA A 234 -3.63 -16.93 -24.06
N THR A 235 -2.92 -17.62 -23.18
CA THR A 235 -3.18 -19.01 -22.88
C THR A 235 -4.13 -19.17 -21.69
N PRO A 236 -5.26 -19.87 -21.88
CA PRO A 236 -6.21 -20.09 -20.80
C PRO A 236 -5.54 -20.60 -19.53
N VAL A 237 -6.01 -20.07 -18.40
CA VAL A 237 -5.48 -20.37 -17.08
C VAL A 237 -5.74 -21.74 -16.46
N THR A 238 -4.84 -22.09 -15.55
CA THR A 238 -4.88 -23.32 -14.75
C THR A 238 -5.23 -22.70 -13.39
N GLU A 239 -4.24 -22.03 -12.82
CA GLU A 239 -4.38 -21.31 -11.57
C GLU A 239 -3.49 -20.10 -11.81
N ALA A 240 -3.95 -18.92 -11.39
CA ALA A 240 -3.21 -17.69 -11.62
C ALA A 240 -3.23 -16.84 -10.37
N PRO A 241 -2.31 -17.13 -9.46
CA PRO A 241 -2.19 -16.39 -8.20
C PRO A 241 -1.46 -15.09 -8.43
N PHE A 242 -1.37 -14.32 -7.35
CA PHE A 242 -0.56 -13.11 -7.39
C PHE A 242 0.86 -13.74 -7.37
N TRP A 243 1.81 -13.14 -8.08
CA TRP A 243 3.17 -13.69 -8.06
C TRP A 243 4.21 -12.58 -7.92
N PHE A 244 5.34 -12.89 -7.28
CA PHE A 244 6.42 -11.89 -7.14
C PHE A 244 7.71 -12.67 -7.38
N ALA A 245 8.52 -12.19 -8.32
CA ALA A 245 9.81 -12.83 -8.66
C ALA A 245 10.93 -12.09 -7.95
N PHE A 246 11.57 -12.81 -7.02
CA PHE A 246 12.67 -12.33 -6.18
C PHE A 246 13.96 -12.65 -6.92
N GLN A 247 14.73 -11.62 -7.26
CA GLN A 247 15.98 -11.84 -8.01
C GLN A 247 17.05 -10.89 -7.51
N GLN A 248 18.32 -11.21 -7.77
CA GLN A 248 19.40 -10.31 -7.35
C GLN A 248 19.30 -9.09 -8.26
N PRO A 249 19.66 -7.90 -7.76
CA PRO A 249 19.58 -6.73 -8.62
C PRO A 249 20.57 -6.73 -9.78
N THR A 250 20.34 -5.84 -10.73
CA THR A 250 21.28 -5.68 -11.83
C THR A 250 21.94 -4.33 -11.57
N PRO A 251 22.96 -3.98 -12.37
CA PRO A 251 23.60 -2.68 -12.15
C PRO A 251 22.68 -1.50 -12.40
N GLN A 252 21.65 -1.70 -13.23
CA GLN A 252 20.74 -0.61 -13.56
C GLN A 252 19.41 -0.57 -12.80
N ASP A 253 18.94 -1.71 -12.31
CA ASP A 253 17.68 -1.71 -11.57
C ASP A 253 17.54 -2.86 -10.56
N THR A 254 16.47 -2.82 -9.76
CA THR A 254 16.26 -3.80 -8.72
C THR A 254 15.97 -5.20 -9.25
N ASN A 255 15.53 -5.30 -10.51
CA ASN A 255 15.31 -6.61 -11.14
C ASN A 255 14.19 -7.44 -10.47
N LEU A 256 13.15 -6.77 -9.97
CA LEU A 256 12.01 -7.44 -9.32
C LEU A 256 10.75 -7.20 -10.17
N PHE A 257 9.93 -8.24 -10.33
CA PHE A 257 8.72 -8.16 -11.12
C PHE A 257 7.57 -8.86 -10.39
N TYR A 258 6.34 -8.40 -10.65
CA TYR A 258 5.22 -9.04 -9.97
C TYR A 258 3.99 -8.93 -10.87
N GLY A 259 2.97 -9.73 -10.56
CA GLY A 259 1.77 -9.66 -11.34
C GLY A 259 0.58 -10.29 -10.61
N PHE A 260 -0.60 -10.15 -11.21
CA PHE A 260 -1.83 -10.71 -10.65
C PHE A 260 -2.53 -11.59 -11.67
N GLY A 261 -3.33 -12.51 -11.14
CA GLY A 261 -4.16 -13.32 -12.02
C GLY A 261 -5.26 -12.32 -12.38
N HIS A 262 -6.22 -12.70 -13.23
CA HIS A 262 -7.31 -11.81 -13.64
C HIS A 262 -8.12 -11.42 -12.41
N ASN A 263 -8.53 -10.15 -12.31
CA ASN A 263 -9.34 -9.70 -11.19
C ASN A 263 -10.68 -10.42 -11.32
N PRO A 264 -11.10 -11.16 -10.29
CA PRO A 264 -12.38 -11.88 -10.39
C PRO A 264 -13.65 -11.03 -10.52
N TRP A 265 -13.52 -9.74 -10.31
CA TRP A 265 -14.71 -8.87 -10.39
C TRP A 265 -14.77 -8.12 -11.69
N ALA A 266 -13.70 -8.18 -12.49
CA ALA A 266 -13.64 -7.42 -13.74
C ALA A 266 -14.00 -8.21 -14.99
N PRO A 267 -14.48 -7.50 -16.02
CA PRO A 267 -14.84 -8.19 -17.26
C PRO A 267 -13.59 -8.44 -18.14
N GLY A 268 -13.70 -9.39 -19.06
CA GLY A 268 -12.58 -9.69 -19.94
C GLY A 268 -11.52 -10.58 -19.32
N GLU A 269 -10.36 -10.63 -19.98
CA GLU A 269 -9.25 -11.47 -19.53
C GLU A 269 -7.91 -10.76 -19.57
N PHE A 270 -7.80 -9.68 -18.79
CA PHE A 270 -6.56 -8.92 -18.72
C PHE A 270 -5.95 -9.14 -17.34
N VAL A 271 -4.62 -9.05 -17.25
CA VAL A 271 -3.95 -9.18 -15.96
C VAL A 271 -3.02 -7.97 -15.88
N ARG A 272 -2.68 -7.57 -14.65
CA ARG A 272 -1.80 -6.44 -14.44
C ARG A 272 -0.45 -6.96 -13.94
N CYS A 273 0.64 -6.40 -14.43
CA CYS A 273 1.98 -6.77 -13.99
C CYS A 273 2.81 -5.50 -13.92
N GLY A 274 3.92 -5.56 -13.19
CA GLY A 274 4.75 -4.39 -13.14
C GLY A 274 6.11 -4.68 -12.55
N PRO A 275 7.02 -3.73 -12.69
CA PRO A 275 8.36 -3.88 -12.14
C PRO A 275 8.34 -3.24 -10.76
N ASP A 276 9.14 -3.76 -9.83
CA ASP A 276 9.25 -3.17 -8.51
C ASP A 276 10.69 -2.67 -8.49
N PHE A 277 10.91 -1.50 -9.10
CA PHE A 277 12.24 -0.91 -9.22
C PHE A 277 12.42 0.31 -8.32
N GLU A 278 13.33 0.25 -7.35
CA GLU A 278 13.56 1.40 -6.49
C GLU A 278 14.68 2.21 -7.14
N VAL A 279 14.39 2.80 -8.29
CA VAL A 279 15.39 3.59 -9.00
C VAL A 279 14.80 4.91 -9.44
N ASP A 280 15.68 5.90 -9.65
CA ASP A 280 15.25 7.21 -10.09
C ASP A 280 14.20 7.82 -9.16
N PRO A 281 14.52 7.97 -7.87
CA PRO A 281 13.52 8.56 -6.97
C PRO A 281 13.22 10.01 -7.40
N LEU A 282 12.01 10.47 -7.11
CA LEU A 282 11.65 11.85 -7.49
C LEU A 282 12.10 12.82 -6.40
N ASP A 283 12.55 14.01 -6.81
CA ASP A 283 12.98 15.03 -5.86
C ASP A 283 11.72 15.46 -5.15
N HIS A 284 10.65 15.58 -5.93
CA HIS A 284 9.37 15.98 -5.41
C HIS A 284 8.28 15.32 -6.24
N PRO A 285 7.14 14.98 -5.61
CA PRO A 285 6.06 14.33 -6.36
C PRO A 285 5.54 15.15 -7.54
N SER A 286 5.81 16.45 -7.53
CA SER A 286 5.36 17.32 -8.62
C SER A 286 6.07 16.96 -9.92
N ALA A 287 7.22 16.29 -9.80
CA ALA A 287 8.01 15.89 -10.97
C ALA A 287 7.44 14.67 -11.69
N ALA A 288 6.40 14.06 -11.14
CA ALA A 288 5.79 12.89 -11.78
C ALA A 288 5.23 13.24 -13.16
N THR A 289 5.49 12.38 -14.14
CA THR A 289 5.04 12.60 -15.51
C THR A 289 3.66 11.99 -15.78
N GLY A 290 3.30 10.96 -15.02
CA GLY A 290 2.03 10.32 -15.24
C GLY A 290 2.06 9.39 -16.44
N VAL A 291 3.24 9.21 -17.05
CA VAL A 291 3.41 8.34 -18.21
C VAL A 291 4.44 7.23 -17.92
N ALA A 292 4.05 5.99 -18.10
CA ALA A 292 4.94 4.85 -17.83
C ALA A 292 6.33 5.03 -18.42
N ASP A 293 7.37 4.84 -17.61
CA ASP A 293 8.72 4.98 -18.09
C ASP A 293 9.02 3.94 -19.17
N ARG A 294 9.60 4.44 -20.26
CA ARG A 294 9.93 3.60 -21.43
C ARG A 294 10.85 2.43 -21.09
N ARG A 295 11.94 2.72 -20.38
CA ARG A 295 12.88 1.67 -20.02
C ARG A 295 12.24 0.64 -19.07
N GLN A 296 11.49 1.10 -18.07
CA GLN A 296 10.82 0.17 -17.16
C GLN A 296 9.85 -0.71 -17.94
N ASP A 298 10.00 -1.49 -21.14
CA ASP A 298 10.77 -2.40 -21.97
C ASP A 298 11.25 -3.57 -21.12
N ARG A 299 11.70 -3.27 -19.90
CA ARG A 299 12.17 -4.33 -19.01
C ARG A 299 11.06 -5.29 -18.64
N LEU A 300 9.89 -4.76 -18.29
CA LEU A 300 8.76 -5.61 -17.91
C LEU A 300 8.29 -6.51 -19.06
N SER A 301 8.00 -5.90 -20.20
CA SER A 301 7.50 -6.67 -21.34
C SER A 301 8.54 -7.69 -21.79
N GLY A 302 9.82 -7.31 -21.68
CA GLY A 302 10.89 -8.21 -22.06
C GLY A 302 10.95 -9.42 -21.15
N TRP A 303 10.79 -9.19 -19.84
CA TRP A 303 10.84 -10.29 -18.88
C TRP A 303 9.62 -11.18 -19.08
N LEU A 304 8.45 -10.57 -19.30
CA LEU A 304 7.24 -11.37 -19.49
C LEU A 304 7.36 -12.19 -20.78
N ARG A 305 7.95 -11.59 -21.79
CA ARG A 305 8.09 -12.25 -23.08
C ARG A 305 8.86 -13.55 -22.97
N ASP A 306 9.90 -13.54 -22.14
CA ASP A 306 10.72 -14.73 -21.93
C ASP A 306 10.23 -15.67 -20.85
N HIS A 307 9.67 -15.14 -19.77
CA HIS A 307 9.30 -15.96 -18.63
C HIS A 307 7.84 -16.28 -18.27
N LEU A 308 6.89 -15.59 -18.88
CA LEU A 308 5.48 -15.87 -18.59
C LEU A 308 4.74 -15.80 -19.91
N PRO A 309 4.94 -16.82 -20.76
CA PRO A 309 4.27 -16.85 -22.07
C PRO A 309 2.73 -16.93 -22.05
N THR A 310 2.14 -17.13 -20.87
CA THR A 310 0.69 -17.19 -20.78
C THR A 310 0.03 -15.83 -21.05
N VAL A 311 0.83 -14.76 -21.04
CA VAL A 311 0.30 -13.44 -21.37
C VAL A 311 0.89 -12.92 -22.67
N ASP A 312 0.14 -12.08 -23.36
CA ASP A 312 0.60 -11.47 -24.60
C ASP A 312 1.46 -10.26 -24.15
N PRO A 313 2.78 -10.30 -24.44
CA PRO A 313 3.79 -9.28 -24.09
C PRO A 313 3.61 -7.84 -24.54
N ASP A 314 2.64 -7.57 -25.40
CA ASP A 314 2.40 -6.20 -25.84
C ASP A 314 1.25 -5.62 -25.04
N PRO A 315 1.55 -4.74 -24.08
CA PRO A 315 0.53 -4.12 -23.22
C PRO A 315 -0.62 -3.43 -23.91
N VAL A 316 -1.80 -3.60 -23.34
CA VAL A 316 -3.02 -3.00 -23.86
C VAL A 316 -3.20 -1.60 -23.25
N ARG A 317 -2.65 -1.42 -22.06
CA ARG A 317 -2.74 -0.14 -21.38
C ARG A 317 -1.57 -0.07 -20.40
N THR A 318 -1.11 1.14 -20.11
CA THR A 318 -0.02 1.35 -19.18
C THR A 318 -0.39 2.58 -18.36
N SER A 319 0.13 2.67 -17.15
CA SER A 319 -0.15 3.81 -16.29
C SER A 319 0.98 3.86 -15.26
N THR A 320 0.85 4.74 -14.28
CA THR A 320 1.86 4.87 -13.24
C THR A 320 1.21 4.95 -11.87
N CYS A 321 2.01 4.75 -10.83
CA CYS A 321 1.55 4.79 -9.46
C CYS A 321 2.76 5.29 -8.69
N LEU A 322 2.54 6.15 -7.71
CA LEU A 322 3.66 6.65 -6.92
C LEU A 322 3.87 5.80 -5.70
N ALA A 323 5.01 5.13 -5.62
CA ALA A 323 5.33 4.32 -4.45
C ALA A 323 6.10 5.20 -3.48
N VAL A 324 5.83 5.06 -2.20
CA VAL A 324 6.54 5.85 -1.18
C VAL A 324 7.12 4.80 -0.22
N LEU A 325 8.44 4.69 -0.15
CA LEU A 325 9.07 3.67 0.67
C LEU A 325 10.17 4.24 1.55
N PRO A 326 10.39 3.65 2.73
CA PRO A 326 11.46 4.14 3.62
C PRO A 326 12.79 4.05 2.86
N THR A 327 13.64 5.04 3.04
CA THR A 327 14.94 5.00 2.36
C THR A 327 15.80 3.88 2.93
N ASP A 328 15.63 3.63 4.23
CA ASP A 328 16.37 2.56 4.91
C ASP A 328 15.66 1.21 4.72
N PRO A 329 16.34 0.24 4.06
CA PRO A 329 15.73 -1.07 3.83
C PRO A 329 15.37 -1.86 5.09
N GLU A 330 15.84 -1.41 6.25
CA GLU A 330 15.55 -2.11 7.48
C GLU A 330 14.17 -1.75 8.01
N ARG A 331 13.58 -0.74 7.41
CA ARG A 331 12.26 -0.29 7.81
C ARG A 331 11.24 -0.50 6.70
N GLN A 332 10.01 -0.84 7.10
CA GLN A 332 8.94 -1.07 6.13
C GLN A 332 7.85 -0.01 6.16
N PHE A 333 7.62 0.59 7.32
CA PHE A 333 6.57 1.59 7.47
C PHE A 333 6.95 2.70 8.43
N PHE A 334 6.32 3.86 8.22
CA PHE A 334 6.42 5.02 9.12
C PHE A 334 4.98 5.17 9.60
N LEU A 335 4.72 4.89 10.89
CA LEU A 335 3.37 4.99 11.46
C LEU A 335 3.48 5.30 12.94
N GLY A 336 2.95 6.45 13.35
CA GLY A 336 3.02 6.79 14.76
C GLY A 336 2.79 8.29 14.89
N THR A 337 3.27 8.92 15.96
CA THR A 337 3.09 10.36 16.07
C THR A 337 4.42 11.04 15.79
N ALA A 338 4.40 12.37 15.73
CA ALA A 338 5.61 13.11 15.45
C ALA A 338 6.25 13.58 16.76
N ARG A 339 5.91 12.91 17.86
CA ARG A 339 6.41 13.29 19.17
C ARG A 339 7.92 13.39 19.23
N ASP A 340 8.63 12.42 18.66
CA ASP A 340 10.08 12.50 18.73
C ASP A 340 10.74 13.30 17.64
N LEU A 341 9.92 13.96 16.82
CA LEU A 341 10.44 14.79 15.73
C LEU A 341 10.28 16.28 15.97
N THR A 343 8.49 19.54 18.93
CA THR A 343 7.72 19.82 20.13
C THR A 343 6.24 19.84 19.76
N HIS A 344 5.41 19.25 20.62
CA HIS A 344 3.96 19.17 20.40
C HIS A 344 3.68 18.15 19.29
N GLY A 345 4.71 17.41 18.89
CA GLY A 345 4.56 16.43 17.82
C GLY A 345 3.53 15.35 18.13
N GLU A 346 3.24 15.10 19.40
CA GLU A 346 2.22 14.10 19.72
C GLU A 346 0.85 14.52 19.15
N LYS A 347 0.72 15.78 18.76
CA LYS A 347 -0.53 16.29 18.18
C LYS A 347 -0.64 15.96 16.70
N LEU A 348 0.45 15.43 16.12
CA LEU A 348 0.43 15.04 14.71
C LEU A 348 0.58 13.52 14.60
N VAL A 349 -0.40 12.87 14.00
CA VAL A 349 -0.32 11.42 13.83
C VAL A 349 0.10 11.29 12.37
N VAL A 350 1.05 10.41 12.07
CA VAL A 350 1.48 10.32 10.70
C VAL A 350 1.55 8.91 10.15
N TYR A 351 1.03 8.73 8.95
CA TYR A 351 1.20 7.46 8.24
C TYR A 351 1.97 7.96 7.01
N GLY A 352 3.20 7.49 6.84
CA GLY A 352 3.96 8.05 5.74
C GLY A 352 4.86 7.28 4.79
N ALA A 353 4.71 5.96 4.66
CA ALA A 353 5.54 5.20 3.69
C ALA A 353 5.35 3.69 3.89
N GLY A 354 5.44 2.94 2.79
CA GLY A 354 5.32 1.48 2.82
C GLY A 354 4.25 0.90 1.92
N TRP A 355 4.19 -0.43 1.82
CA TRP A 355 3.19 -1.13 1.00
C TRP A 355 2.03 -1.32 1.99
N ALA A 356 1.13 -0.34 2.04
CA ALA A 356 0.12 -0.36 3.09
C ALA A 356 -1.32 -0.65 2.71
N PHE A 357 -1.62 -0.90 1.46
CA PHE A 357 -3.05 -1.09 1.19
C PHE A 357 -3.61 -2.27 1.97
N LYS A 358 -2.82 -3.32 2.16
CA LYS A 358 -3.27 -4.49 2.88
C LYS A 358 -3.61 -4.16 4.33
N PHE A 359 -3.06 -3.06 4.84
CA PHE A 359 -3.30 -2.66 6.23
C PHE A 359 -4.29 -1.53 6.38
N VAL A 360 -4.96 -1.14 5.31
CA VAL A 360 -5.86 -0.01 5.43
C VAL A 360 -6.85 -0.10 6.63
N PRO A 361 -7.52 -1.25 6.83
CA PRO A 361 -8.45 -1.33 7.97
C PRO A 361 -7.75 -1.14 9.32
N LEU A 362 -6.53 -1.65 9.42
CA LEU A 362 -5.78 -1.56 10.66
C LEU A 362 -5.16 -0.19 10.88
N PHE A 363 -4.52 0.35 9.85
CA PHE A 363 -3.88 1.66 10.01
C PHE A 363 -4.93 2.74 10.28
N GLY A 364 -6.14 2.56 9.76
CA GLY A 364 -7.18 3.53 10.03
C GLY A 364 -7.54 3.50 11.52
N ARG A 365 -7.68 2.31 12.06
CA ARG A 365 -8.02 2.12 13.46
C ARG A 365 -6.89 2.62 14.37
N ILE A 366 -5.63 2.39 13.98
CA ILE A 366 -4.50 2.85 14.77
C ILE A 366 -4.38 4.38 14.73
N CYS A 367 -4.54 4.98 13.54
CA CYS A 367 -4.45 6.45 13.47
C CYS A 367 -5.61 7.05 14.26
N ALA A 368 -6.76 6.38 14.23
CA ALA A 368 -7.90 6.88 14.99
C ALA A 368 -7.60 6.82 16.50
N ASP A 369 -6.96 5.72 16.94
CA ASP A 369 -6.61 5.53 18.36
C ASP A 369 -5.65 6.64 18.83
N LEU A 370 -4.63 6.88 18.01
CA LEU A 370 -3.63 7.90 18.32
C LEU A 370 -4.16 9.31 18.25
N ALA A 371 -5.15 9.55 17.38
CA ALA A 371 -5.69 10.89 17.24
C ALA A 371 -6.73 11.24 18.30
N VAL A 372 -7.29 10.22 18.95
CA VAL A 372 -8.30 10.44 19.97
C VAL A 372 -7.84 10.12 21.39
N GLU A 373 -7.08 9.03 21.56
CA GLU A 373 -6.67 8.64 22.90
C GLU A 373 -5.18 8.36 23.21
N ASP A 374 -4.28 9.15 22.64
CA ASP A 374 -2.85 9.02 22.92
C ASP A 374 -2.13 7.69 22.70
N SER A 375 -2.85 6.58 22.58
CA SER A 375 -2.18 5.29 22.40
C SER A 375 -3.06 4.24 21.75
N THR A 376 -2.44 3.15 21.30
CA THR A 376 -3.15 2.06 20.65
C THR A 376 -2.77 0.73 21.28
N ALA A 377 -3.63 -0.27 21.15
CA ALA A 377 -3.37 -1.59 21.70
C ALA A 377 -2.42 -2.41 20.82
N TYR A 378 -2.30 -2.03 19.55
CA TYR A 378 -1.44 -2.76 18.63
C TYR A 378 0.04 -2.45 18.84
N ASP A 379 0.90 -3.44 18.63
CA ASP A 379 2.35 -3.24 18.80
C ASP A 379 3.00 -2.68 17.54
N ILE A 380 3.19 -1.38 17.51
CA ILE A 380 3.81 -0.74 16.37
C ILE A 380 5.05 0.05 16.76
N SER A 381 5.68 -0.34 17.86
CA SER A 381 6.88 0.34 18.35
C SER A 381 7.97 0.49 17.29
N ARG A 382 8.16 -0.55 16.48
CA ARG A 382 9.22 -0.49 15.47
C ARG A 382 8.92 0.42 14.29
N LEU A 383 7.64 0.71 14.04
CA LEU A 383 7.25 1.55 12.91
C LEU A 383 7.29 3.05 13.21
N ALA A 384 7.67 3.41 14.43
CA ALA A 384 7.70 4.80 14.84
C ALA A 384 8.54 5.68 13.92
N PRO A 385 8.05 6.91 13.66
CA PRO A 385 8.82 7.80 12.79
C PRO A 385 9.91 8.52 13.61
#